data_3NEI
#
_entry.id   3NEI
#
_cell.length_a   51.046
_cell.length_b   54.499
_cell.length_c   175.850
_cell.angle_alpha   90.00
_cell.angle_beta   90.00
_cell.angle_gamma   90.00
#
_symmetry.space_group_name_H-M   'P 21 2 21'
#
loop_
_entity.id
_entity.type
_entity.pdbx_description
1 polymer 'Precorrin-4 C(11)-methyltransferase'
2 non-polymer 'SULFATE ION'
3 non-polymer GLYCEROL
4 water water
#
_entity_poly.entity_id   1
_entity_poly.type   'polypeptide(L)'
_entity_poly.pdbx_seq_one_letter_code
;MGSSHHHHHHSSGLVPRGSHMTVHFIGAGPGAADLITIRGRDLIASCPVCLYAGSLVPEALLAHCPPGAKIVNTAPMSLD
AIIDTIAEAHAAGQDVARLHSGDLSIWSAMGEQLRRLRALNIPYDVTPGVPSFAAAAATLGAELTLPGVAQSVILTRTSG
RASAMPAGETLENFARTGAVLAIHLSVHVLDEVVQKLVPHYGEDCPVAIVWRASWPDQRVVRATLATLQTSLGAELERTA
LILVGRSLATEDFDESRLYAGDYDRRYRPLGTHPRFPEGSE
;
_entity_poly.pdbx_strand_id   A,B
#
# COMPACT_ATOMS: atom_id res chain seq x y z
N MET A 21 -26.26 11.03 7.19
CA MET A 21 -24.91 11.34 6.60
C MET A 21 -23.77 10.48 7.14
N THR A 22 -22.66 10.49 6.41
CA THR A 22 -21.43 9.74 6.72
C THR A 22 -20.19 10.59 6.38
N VAL A 23 -19.12 10.46 7.15
CA VAL A 23 -17.83 11.03 6.75
C VAL A 23 -17.04 9.95 6.01
N HIS A 24 -16.72 10.20 4.75
CA HIS A 24 -15.99 9.22 3.96
C HIS A 24 -14.54 9.62 3.91
N PHE A 25 -13.71 8.89 4.63
CA PHE A 25 -12.26 9.08 4.55
C PHE A 25 -11.76 8.38 3.33
N ILE A 26 -10.98 9.10 2.53
CA ILE A 26 -10.56 8.64 1.21
C ILE A 26 -9.02 8.79 1.05
N GLY A 27 -8.37 7.71 0.64
CA GLY A 27 -6.96 7.77 0.29
C GLY A 27 -6.82 8.30 -1.12
N ALA A 28 -6.32 9.54 -1.23
CA ALA A 28 -6.16 10.20 -2.51
C ALA A 28 -4.99 9.65 -3.33
N GLY A 29 -4.07 8.94 -2.68
CA GLY A 29 -2.94 8.37 -3.37
C GLY A 29 -1.77 9.33 -3.39
N PRO A 30 -0.71 8.99 -4.13
CA PRO A 30 0.58 9.67 -4.08
C PRO A 30 0.62 11.09 -4.64
N GLY A 31 -0.35 11.48 -5.46
CA GLY A 31 -0.29 12.79 -6.10
C GLY A 31 -0.94 12.86 -7.48
N ALA A 32 -0.60 11.95 -8.38
CA ALA A 32 -1.25 11.97 -9.70
C ALA A 32 -2.74 11.76 -9.52
N ALA A 33 -3.52 12.63 -10.14
CA ALA A 33 -4.98 12.56 -10.02
C ALA A 33 -5.61 11.25 -10.51
N ASP A 34 -4.95 10.56 -11.44
CA ASP A 34 -5.48 9.29 -11.95
C ASP A 34 -5.09 8.08 -11.08
N LEU A 35 -4.34 8.33 -10.00
CA LEU A 35 -4.04 7.27 -9.02
C LEU A 35 -4.92 7.25 -7.76
N ILE A 36 -6.01 8.00 -7.76
CA ILE A 36 -7.09 7.79 -6.78
C ILE A 36 -7.84 6.52 -7.22
N THR A 37 -8.55 5.85 -6.32
CA THR A 37 -9.41 4.74 -6.75
C THR A 37 -10.70 5.21 -7.40
N ILE A 38 -11.34 4.33 -8.14
CA ILE A 38 -12.63 4.61 -8.74
C ILE A 38 -13.62 4.96 -7.65
N ARG A 39 -13.59 4.20 -6.56
CA ARG A 39 -14.50 4.45 -5.43
C ARG A 39 -14.26 5.85 -4.88
N GLY A 40 -12.99 6.22 -4.67
CA GLY A 40 -12.68 7.50 -4.09
C GLY A 40 -13.16 8.64 -4.95
N ARG A 41 -12.95 8.50 -6.25
CA ARG A 41 -13.43 9.48 -7.21
C ARG A 41 -14.96 9.63 -7.17
N ASP A 42 -15.64 8.49 -7.15
CA ASP A 42 -17.11 8.50 -7.09
C ASP A 42 -17.57 9.20 -5.84
N LEU A 43 -16.88 8.97 -4.72
CA LEU A 43 -17.28 9.56 -3.45
C LEU A 43 -17.07 11.08 -3.43
N ILE A 44 -15.93 11.54 -3.91
CA ILE A 44 -15.75 12.96 -4.08
C ILE A 44 -16.93 13.53 -4.89
N ALA A 45 -17.30 12.85 -5.98
CA ALA A 45 -18.34 13.36 -6.90
C ALA A 45 -19.71 13.45 -6.25
N SER A 46 -19.94 12.68 -5.20
CA SER A 46 -21.25 12.68 -4.65
C SER A 46 -21.39 13.30 -3.26
N CYS A 47 -20.34 13.96 -2.76
CA CYS A 47 -20.41 14.68 -1.45
C CYS A 47 -20.54 16.21 -1.57
N PRO A 48 -21.53 16.81 -0.86
CA PRO A 48 -21.69 18.27 -0.94
C PRO A 48 -20.66 19.04 -0.11
N VAL A 49 -19.91 18.35 0.74
CA VAL A 49 -18.85 18.98 1.52
C VAL A 49 -17.54 18.19 1.30
N CYS A 50 -16.46 18.88 0.98
CA CYS A 50 -15.18 18.20 0.77
C CYS A 50 -14.11 18.87 1.64
N LEU A 51 -13.49 18.08 2.50
CA LEU A 51 -12.38 18.53 3.33
C LEU A 51 -11.09 17.88 2.86
N TYR A 52 -10.13 18.67 2.42
CA TYR A 52 -8.95 18.09 1.81
C TYR A 52 -7.67 18.66 2.44
N ALA A 53 -6.68 17.79 2.63
CA ALA A 53 -5.41 18.12 3.29
C ALA A 53 -4.44 18.88 2.40
N GLY A 54 -4.74 20.14 2.10
CA GLY A 54 -3.82 21.03 1.40
C GLY A 54 -3.24 20.55 0.09
N SER A 55 -2.08 21.12 -0.26
CA SER A 55 -1.47 20.94 -1.59
C SER A 55 -0.81 19.57 -1.80
N LEU A 56 -0.82 18.73 -0.77
CA LEU A 56 -0.43 17.31 -0.88
C LEU A 56 -1.49 16.52 -1.66
N VAL A 57 -2.69 17.08 -1.77
CA VAL A 57 -3.76 16.52 -2.57
C VAL A 57 -3.94 17.41 -3.79
N PRO A 58 -3.72 16.85 -4.99
CA PRO A 58 -3.73 17.63 -6.23
C PRO A 58 -5.07 18.32 -6.43
N GLU A 59 -5.06 19.60 -6.79
CA GLU A 59 -6.31 20.34 -6.96
C GLU A 59 -7.14 19.78 -8.11
N ALA A 60 -6.53 19.00 -9.00
CA ALA A 60 -7.28 18.36 -10.09
C ALA A 60 -8.38 17.40 -9.61
N LEU A 61 -8.19 16.78 -8.44
CA LEU A 61 -9.24 15.98 -7.79
C LEU A 61 -10.45 16.81 -7.35
N LEU A 62 -10.20 18.06 -6.98
CA LEU A 62 -11.27 18.97 -6.60
C LEU A 62 -12.20 19.31 -7.77
N ALA A 63 -11.76 19.05 -9.01
CA ALA A 63 -12.65 19.24 -10.16
C ALA A 63 -13.82 18.22 -10.19
N HIS A 64 -13.68 17.12 -9.46
CA HIS A 64 -14.74 16.11 -9.34
C HIS A 64 -15.87 16.50 -8.38
N CYS A 65 -15.60 17.35 -7.39
CA CYS A 65 -16.64 17.88 -6.52
C CYS A 65 -17.82 18.40 -7.33
N PRO A 66 -19.04 18.02 -6.90
CA PRO A 66 -20.25 18.46 -7.57
C PRO A 66 -20.45 19.99 -7.43
N PRO A 67 -21.15 20.62 -8.38
CA PRO A 67 -21.39 22.06 -8.18
C PRO A 67 -22.24 22.15 -6.92
N GLY A 68 -22.11 23.19 -6.12
CA GLY A 68 -22.83 23.13 -4.85
C GLY A 68 -21.93 22.73 -3.70
N ALA A 69 -20.86 22.00 -3.99
CA ALA A 69 -19.92 21.59 -2.94
C ALA A 69 -19.18 22.77 -2.32
N LYS A 70 -19.17 22.81 -1.00
CA LYS A 70 -18.22 23.69 -0.32
C LYS A 70 -16.92 22.97 -0.03
N ILE A 71 -15.82 23.58 -0.45
CA ILE A 71 -14.52 22.94 -0.45
C ILE A 71 -13.61 23.56 0.60
N VAL A 72 -13.12 22.71 1.51
CA VAL A 72 -12.43 23.15 2.71
C VAL A 72 -11.01 22.58 2.80
N ASN A 73 -10.02 23.49 2.87
CA ASN A 73 -8.61 23.14 3.04
C ASN A 73 -8.25 22.96 4.50
N THR A 74 -8.04 21.72 4.94
CA THR A 74 -7.76 21.41 6.35
C THR A 74 -6.31 21.64 6.78
N ALA A 75 -5.38 21.75 5.83
CA ALA A 75 -3.94 21.85 6.14
C ALA A 75 -3.55 22.96 7.15
N PRO A 76 -4.10 24.19 6.98
CA PRO A 76 -3.78 25.26 7.96
C PRO A 76 -4.83 25.37 9.10
N MET A 77 -5.79 24.45 9.12
CA MET A 77 -6.80 24.37 10.15
C MET A 77 -6.36 23.54 11.38
N SER A 78 -6.86 23.91 12.56
CA SER A 78 -6.60 23.11 13.76
C SER A 78 -7.46 21.85 13.81
N LEU A 79 -7.05 20.87 14.61
CA LEU A 79 -7.87 19.70 14.82
C LEU A 79 -9.30 20.07 15.24
N ASP A 80 -9.42 20.95 16.24
CA ASP A 80 -10.75 21.43 16.72
C ASP A 80 -11.67 21.99 15.63
N ALA A 81 -11.11 22.80 14.72
CA ALA A 81 -11.91 23.43 13.65
C ALA A 81 -12.33 22.43 12.59
N ILE A 82 -11.46 21.45 12.34
CA ILE A 82 -11.79 20.33 11.45
C ILE A 82 -13.02 19.58 11.98
N ILE A 83 -13.01 19.28 13.27
CA ILE A 83 -14.11 18.55 13.89
C ILE A 83 -15.43 19.35 13.96
N ASP A 84 -15.33 20.63 14.30
CA ASP A 84 -16.47 21.56 14.23
C ASP A 84 -17.11 21.63 12.83
N THR A 85 -16.28 21.73 11.79
CA THR A 85 -16.77 21.70 10.40
C THR A 85 -17.48 20.38 10.05
N ILE A 86 -16.94 19.27 10.55
CA ILE A 86 -17.59 17.99 10.27
C ILE A 86 -18.92 17.91 11.02
N ALA A 87 -18.91 18.41 12.26
CA ALA A 87 -20.12 18.46 13.08
C ALA A 87 -21.21 19.33 12.42
N GLU A 88 -20.85 20.46 11.85
CA GLU A 88 -21.90 21.23 11.20
C GLU A 88 -22.40 20.54 9.91
N ALA A 89 -21.55 19.81 9.20
CA ALA A 89 -22.06 19.01 8.09
C ALA A 89 -22.98 17.89 8.59
N HIS A 90 -22.65 17.32 9.74
CA HIS A 90 -23.42 16.23 10.29
C HIS A 90 -24.78 16.74 10.75
N ALA A 91 -24.79 17.93 11.34
CA ALA A 91 -26.04 18.54 11.76
C ALA A 91 -26.93 18.85 10.55
N ALA A 92 -26.33 19.07 9.39
CA ALA A 92 -27.08 19.40 8.17
C ALA A 92 -27.36 18.17 7.31
N GLY A 93 -26.90 17.00 7.74
CA GLY A 93 -27.16 15.76 7.00
C GLY A 93 -26.39 15.73 5.70
N GLN A 94 -25.26 16.42 5.65
CA GLN A 94 -24.50 16.48 4.41
C GLN A 94 -23.29 15.54 4.49
N ASP A 95 -23.19 14.59 3.57
CA ASP A 95 -22.01 13.74 3.44
C ASP A 95 -20.70 14.53 3.20
N VAL A 96 -19.59 14.01 3.73
CA VAL A 96 -18.28 14.63 3.63
C VAL A 96 -17.30 13.71 2.91
N ALA A 97 -16.63 14.26 1.90
CA ALA A 97 -15.50 13.59 1.27
C ALA A 97 -14.28 14.16 1.95
N ARG A 98 -13.69 13.37 2.86
CA ARG A 98 -12.51 13.74 3.61
C ARG A 98 -11.24 13.16 2.98
N LEU A 99 -10.56 13.98 2.18
CA LEU A 99 -9.38 13.56 1.41
C LEU A 99 -8.06 13.71 2.15
N HIS A 100 -7.31 12.61 2.27
CA HIS A 100 -5.94 12.64 2.78
C HIS A 100 -5.05 12.17 1.67
N SER A 101 -3.78 12.54 1.69
CA SER A 101 -2.87 12.05 0.67
C SER A 101 -2.44 10.65 1.00
N GLY A 102 -2.11 9.86 -0.02
CA GLY A 102 -1.49 8.55 0.17
C GLY A 102 -2.53 7.55 0.61
N ASP A 103 -2.13 6.59 1.45
CA ASP A 103 -3.10 5.72 2.11
C ASP A 103 -3.37 6.15 3.56
N LEU A 104 -4.59 5.86 3.99
CA LEU A 104 -5.11 6.21 5.31
C LEU A 104 -4.56 5.37 6.45
N SER A 105 -4.06 4.19 6.13
CA SER A 105 -3.59 3.28 7.18
C SER A 105 -2.24 3.67 7.76
N ILE A 106 -1.46 4.46 7.01
CA ILE A 106 -0.12 4.88 7.45
C ILE A 106 0.06 6.39 7.28
N TRP A 107 0.53 7.03 8.36
CA TRP A 107 0.81 8.47 8.42
C TRP A 107 -0.25 9.42 7.84
N SER A 108 -1.52 9.04 7.95
CA SER A 108 -2.62 9.90 7.55
C SER A 108 -3.02 10.91 8.63
N ALA A 109 -2.81 10.58 9.90
CA ALA A 109 -3.42 11.30 11.02
C ALA A 109 -4.96 11.18 11.03
N MET A 110 -5.50 10.11 10.45
CA MET A 110 -6.93 9.79 10.51
C MET A 110 -7.38 9.38 11.93
N GLY A 111 -6.55 8.60 12.61
CA GLY A 111 -6.89 8.04 13.93
C GLY A 111 -7.39 9.06 14.94
N GLU A 112 -6.67 10.18 15.11
CA GLU A 112 -7.12 11.21 16.04
C GLU A 112 -8.45 11.86 15.65
N GLN A 113 -8.75 11.86 14.35
CA GLN A 113 -10.02 12.38 13.84
C GLN A 113 -11.12 11.38 14.13
N LEU A 114 -10.80 10.09 13.99
CA LEU A 114 -11.77 9.01 14.26
C LEU A 114 -12.19 8.96 15.72
N ARG A 115 -11.22 9.11 16.60
CA ARG A 115 -11.45 9.17 18.05
C ARG A 115 -12.37 10.33 18.40
N ARG A 116 -12.17 11.48 17.78
CA ARG A 116 -13.05 12.64 18.01
C ARG A 116 -14.44 12.39 17.46
N LEU A 117 -14.54 11.68 16.35
CA LEU A 117 -15.85 11.39 15.76
C LEU A 117 -16.67 10.36 16.52
N ARG A 118 -16.00 9.33 17.05
CA ARG A 118 -16.70 8.35 17.88
C ARG A 118 -17.27 9.00 19.16
N ALA A 119 -16.55 9.98 19.70
CA ALA A 119 -17.01 10.71 20.87
C ALA A 119 -18.28 11.54 20.59
N LEU A 120 -18.51 11.85 19.30
CA LEU A 120 -19.68 12.64 18.89
C LEU A 120 -20.74 11.75 18.22
N ASN A 121 -20.38 10.48 18.01
CA ASN A 121 -21.23 9.49 17.34
C ASN A 121 -21.70 9.94 15.96
N ILE A 122 -20.75 10.48 15.18
CA ILE A 122 -20.90 10.84 13.77
C ILE A 122 -20.38 9.67 12.91
N PRO A 123 -21.22 9.11 12.02
CA PRO A 123 -20.77 7.90 11.29
C PRO A 123 -19.61 8.17 10.32
N TYR A 124 -18.78 7.17 10.07
CA TYR A 124 -17.71 7.29 9.10
C TYR A 124 -17.38 5.95 8.43
N ASP A 125 -16.81 6.00 7.21
CA ASP A 125 -16.13 4.82 6.64
C ASP A 125 -14.82 5.16 5.95
N VAL A 126 -14.05 4.14 5.60
CA VAL A 126 -12.71 4.34 5.11
C VAL A 126 -12.54 3.68 3.74
N THR A 127 -12.01 4.43 2.76
CA THR A 127 -11.73 3.93 1.42
C THR A 127 -10.20 3.97 1.21
N PRO A 128 -9.57 2.79 1.00
CA PRO A 128 -8.12 2.72 0.92
C PRO A 128 -7.54 3.42 -0.32
N GLY A 129 -6.32 3.91 -0.18
CA GLY A 129 -5.59 4.56 -1.26
C GLY A 129 -4.27 3.85 -1.56
N VAL A 130 -3.60 4.27 -2.63
CA VAL A 130 -2.28 3.79 -3.00
C VAL A 130 -1.21 4.44 -2.09
N PRO A 131 -0.42 3.62 -1.39
CA PRO A 131 0.62 4.21 -0.52
C PRO A 131 1.79 4.66 -1.36
N SER A 132 2.59 5.58 -0.85
CA SER A 132 3.68 6.14 -1.63
C SER A 132 4.82 5.15 -1.88
N PHE A 133 4.97 4.14 -1.03
CA PHE A 133 6.02 3.13 -1.29
C PHE A 133 5.71 2.30 -2.54
N ALA A 134 4.41 2.08 -2.77
CA ALA A 134 3.92 1.33 -3.93
C ALA A 134 4.10 2.18 -5.16
N ALA A 135 3.69 3.42 -5.07
CA ALA A 135 3.89 4.38 -6.16
C ALA A 135 5.36 4.54 -6.48
N ALA A 136 6.21 4.59 -5.46
CA ALA A 136 7.67 4.67 -5.64
C ALA A 136 8.22 3.45 -6.36
N ALA A 137 7.89 2.25 -5.86
CA ALA A 137 8.30 0.98 -6.51
C ALA A 137 7.85 0.89 -7.95
N ALA A 138 6.65 1.39 -8.24
CA ALA A 138 6.12 1.36 -9.61
C ALA A 138 6.95 2.22 -10.58
N THR A 139 7.31 3.42 -10.14
CA THR A 139 8.11 4.30 -10.97
C THR A 139 9.46 3.70 -11.25
N LEU A 140 9.97 2.90 -10.31
CA LEU A 140 11.27 2.25 -10.45
C LEU A 140 11.19 0.94 -11.23
N GLY A 141 9.98 0.45 -11.50
CA GLY A 141 9.79 -0.84 -12.12
C GLY A 141 10.30 -1.96 -11.25
N ALA A 142 9.99 -1.91 -9.95
CA ALA A 142 10.56 -2.89 -9.02
C ALA A 142 9.54 -3.70 -8.22
N GLU A 143 9.65 -5.01 -8.29
CA GLU A 143 9.05 -5.88 -7.27
C GLU A 143 10.03 -5.91 -6.08
N LEU A 144 9.55 -5.54 -4.91
CA LEU A 144 10.43 -5.42 -3.75
C LEU A 144 10.77 -6.79 -3.17
N THR A 145 9.83 -7.71 -3.26
CA THR A 145 10.06 -9.08 -2.83
C THR A 145 10.69 -9.87 -3.97
N LEU A 146 11.75 -10.61 -3.65
CA LEU A 146 12.50 -11.41 -4.60
C LEU A 146 12.90 -12.73 -3.95
N PRO A 147 12.35 -13.86 -4.45
CA PRO A 147 12.63 -15.15 -3.82
C PRO A 147 14.14 -15.37 -3.57
N GLY A 148 14.50 -15.87 -2.39
CA GLY A 148 15.90 -16.04 -2.02
C GLY A 148 16.55 -14.80 -1.43
N VAL A 149 16.10 -13.62 -1.85
CA VAL A 149 16.68 -12.34 -1.40
C VAL A 149 15.85 -11.58 -0.33
N ALA A 150 14.55 -11.40 -0.56
CA ALA A 150 13.71 -10.72 0.44
C ALA A 150 12.24 -10.97 0.19
N GLN A 151 11.53 -11.33 1.25
CA GLN A 151 10.13 -11.70 1.12
C GLN A 151 9.30 -10.84 2.06
N SER A 152 9.92 -9.78 2.57
CA SER A 152 9.24 -8.92 3.50
C SER A 152 9.63 -7.49 3.25
N VAL A 153 8.71 -6.58 3.61
CA VAL A 153 8.92 -5.16 3.50
C VAL A 153 8.52 -4.49 4.81
N ILE A 154 9.38 -3.60 5.30
CA ILE A 154 9.14 -2.86 6.53
C ILE A 154 8.93 -1.36 6.23
N LEU A 155 7.82 -0.79 6.67
CA LEU A 155 7.56 0.61 6.44
C LEU A 155 7.80 1.36 7.73
N THR A 156 8.62 2.41 7.68
CA THR A 156 8.97 3.15 8.89
C THR A 156 9.40 4.57 8.57
N ARG A 157 9.67 5.34 9.62
CA ARG A 157 10.15 6.70 9.49
C ARG A 157 11.20 6.92 10.55
N THR A 158 12.04 7.93 10.34
CA THR A 158 13.00 8.35 11.35
C THR A 158 12.33 9.38 12.24
N ALA A 164 10.03 10.85 19.15
CA ALA A 164 10.39 9.66 19.89
C ALA A 164 9.77 8.40 19.26
N MET A 165 10.62 7.61 18.59
CA MET A 165 10.22 6.32 18.05
C MET A 165 9.90 5.34 19.19
N PRO A 166 8.83 4.54 19.03
CA PRO A 166 8.50 3.50 20.03
C PRO A 166 9.69 2.56 20.32
N ALA A 167 9.67 2.00 21.54
CA ALA A 167 10.75 1.17 22.11
C ALA A 167 11.64 0.40 21.12
N GLY A 168 11.07 -0.67 20.54
CA GLY A 168 11.86 -1.59 19.73
C GLY A 168 11.99 -1.23 18.26
N GLU A 169 11.45 -0.08 17.86
CA GLU A 169 11.40 0.35 16.46
C GLU A 169 12.67 1.06 15.96
N THR A 170 13.78 0.34 15.98
CA THR A 170 15.09 0.91 15.65
C THR A 170 15.53 0.41 14.28
N LEU A 171 16.25 1.26 13.56
CA LEU A 171 16.81 0.88 12.28
C LEU A 171 17.61 -0.41 12.38
N GLU A 172 18.41 -0.53 13.45
CA GLU A 172 19.22 -1.76 13.67
C GLU A 172 18.37 -2.97 13.86
N ASN A 173 17.33 -2.86 14.69
CA ASN A 173 16.36 -3.93 14.82
C ASN A 173 15.77 -4.33 13.48
N PHE A 174 15.53 -3.36 12.61
CA PHE A 174 14.97 -3.65 11.28
C PHE A 174 16.03 -4.21 10.32
N ALA A 175 17.21 -3.61 10.36
CA ALA A 175 18.32 -4.02 9.50
C ALA A 175 18.75 -5.47 9.73
N ARG A 176 18.62 -5.96 10.96
CA ARG A 176 18.97 -7.34 11.29
C ARG A 176 18.18 -8.34 10.45
N THR A 177 16.96 -7.97 10.04
CA THR A 177 16.08 -8.88 9.31
C THR A 177 16.51 -9.07 7.85
N GLY A 178 17.22 -8.09 7.31
CA GLY A 178 17.57 -8.07 5.91
C GLY A 178 16.41 -7.74 4.97
N ALA A 179 15.26 -7.35 5.53
CA ALA A 179 14.08 -7.03 4.72
C ALA A 179 14.31 -5.77 3.88
N VAL A 180 13.51 -5.60 2.84
CA VAL A 180 13.47 -4.35 2.12
C VAL A 180 12.92 -3.29 3.08
N LEU A 181 13.63 -2.17 3.17
CA LEU A 181 13.19 -1.05 4.01
C LEU A 181 12.62 0.12 3.19
N ALA A 182 11.49 0.64 3.66
CA ALA A 182 10.91 1.85 3.08
C ALA A 182 10.81 2.93 4.14
N ILE A 183 11.77 3.85 4.13
CA ILE A 183 11.94 4.81 5.21
C ILE A 183 11.58 6.20 4.74
N HIS A 184 10.61 6.80 5.42
CA HIS A 184 10.25 8.19 5.23
C HIS A 184 11.12 9.03 6.16
N LEU A 185 11.84 9.99 5.60
CA LEU A 185 12.84 10.73 6.40
C LEU A 185 13.14 12.16 5.96
N SER A 186 13.73 12.92 6.88
CA SER A 186 14.35 14.20 6.57
C SER A 186 15.71 13.93 5.95
N VAL A 187 15.98 14.56 4.81
CA VAL A 187 17.30 14.47 4.17
C VAL A 187 18.44 14.88 5.12
N HIS A 188 18.11 15.73 6.12
CA HIS A 188 19.09 16.21 7.13
C HIS A 188 19.70 15.12 8.02
N VAL A 189 19.06 13.94 8.11
CA VAL A 189 19.52 12.86 9.00
C VAL A 189 20.01 11.63 8.22
N LEU A 190 20.12 11.81 6.91
CA LEU A 190 20.51 10.76 5.98
C LEU A 190 21.83 10.08 6.33
N ASP A 191 22.80 10.88 6.74
CA ASP A 191 24.10 10.41 7.18
C ASP A 191 24.01 9.38 8.33
N GLU A 192 23.16 9.67 9.30
CA GLU A 192 22.94 8.70 10.36
C GLU A 192 22.31 7.42 9.84
N VAL A 193 21.29 7.56 9.01
CA VAL A 193 20.61 6.41 8.42
C VAL A 193 21.60 5.46 7.74
N VAL A 194 22.50 6.03 6.93
CA VAL A 194 23.51 5.25 6.21
C VAL A 194 24.44 4.47 7.14
N GLN A 195 24.98 5.15 8.14
CA GLN A 195 25.86 4.51 9.14
C GLN A 195 25.24 3.30 9.80
N LYS A 196 23.97 3.43 10.17
CA LYS A 196 23.25 2.36 10.86
C LYS A 196 22.92 1.18 9.97
N LEU A 197 22.78 1.41 8.67
CA LEU A 197 22.36 0.35 7.73
C LEU A 197 23.51 -0.41 7.12
N VAL A 198 24.62 0.29 6.89
CA VAL A 198 25.77 -0.28 6.19
C VAL A 198 26.33 -1.59 6.80
N PRO A 199 26.49 -1.67 8.15
CA PRO A 199 26.94 -2.95 8.70
C PRO A 199 26.03 -4.12 8.34
N HIS A 200 24.75 -3.84 8.15
CA HIS A 200 23.83 -4.91 7.83
C HIS A 200 23.69 -5.20 6.34
N TYR A 201 23.55 -4.15 5.54
CA TYR A 201 23.25 -4.34 4.12
C TYR A 201 24.49 -4.26 3.23
N GLY A 202 25.48 -3.47 3.66
CA GLY A 202 26.76 -3.32 2.95
C GLY A 202 26.90 -2.02 2.18
N GLU A 203 28.15 -1.56 2.04
CA GLU A 203 28.49 -0.35 1.27
C GLU A 203 27.76 -0.26 -0.07
N ASP A 204 27.72 -1.39 -0.78
CA ASP A 204 27.32 -1.51 -2.18
C ASP A 204 25.82 -1.84 -2.38
N CYS A 205 25.07 -1.91 -1.28
CA CYS A 205 23.65 -2.24 -1.37
C CYS A 205 22.88 -1.17 -2.15
N PRO A 206 22.02 -1.61 -3.08
CA PRO A 206 21.17 -0.69 -3.81
C PRO A 206 20.22 0.05 -2.89
N VAL A 207 20.02 1.33 -3.18
CA VAL A 207 19.00 2.15 -2.56
C VAL A 207 18.48 3.14 -3.59
N ALA A 208 17.22 3.53 -3.46
CA ALA A 208 16.64 4.49 -4.35
C ALA A 208 15.92 5.51 -3.50
N ILE A 209 16.10 6.79 -3.82
CA ILE A 209 15.39 7.90 -3.19
C ILE A 209 14.37 8.40 -4.17
N VAL A 210 13.18 8.66 -3.68
CA VAL A 210 12.14 9.26 -4.49
C VAL A 210 11.54 10.48 -3.79
N TRP A 211 11.48 11.58 -4.55
CA TRP A 211 10.81 12.80 -4.13
C TRP A 211 9.55 12.94 -4.98
N ARG A 212 8.45 13.33 -4.32
CA ARG A 212 7.20 13.66 -5.00
C ARG A 212 6.81 12.57 -5.99
N ALA A 213 6.80 11.32 -5.52
CA ALA A 213 6.41 10.16 -6.35
C ALA A 213 5.08 10.41 -7.04
N SER A 214 5.07 10.23 -8.36
CA SER A 214 3.89 10.37 -9.23
C SER A 214 3.53 11.79 -9.66
N TRP A 215 3.99 12.81 -8.94
CA TRP A 215 3.74 14.22 -9.38
C TRP A 215 4.51 14.52 -10.69
N PRO A 216 4.10 15.56 -11.45
CA PRO A 216 4.82 15.94 -12.69
C PRO A 216 6.27 16.30 -12.39
N ASP A 217 6.41 16.75 -11.15
CA ASP A 217 7.60 17.18 -10.45
C ASP A 217 8.57 16.07 -9.96
N GLN A 218 8.20 14.81 -10.17
CA GLN A 218 8.91 13.66 -9.59
C GLN A 218 10.42 13.69 -9.83
N ARG A 219 11.20 13.43 -8.78
CA ARG A 219 12.62 13.11 -8.97
C ARG A 219 13.04 11.76 -8.39
N VAL A 220 13.83 11.02 -9.18
CA VAL A 220 14.32 9.70 -8.81
C VAL A 220 15.85 9.58 -8.87
N VAL A 221 16.47 9.30 -7.72
CA VAL A 221 17.88 8.97 -7.66
C VAL A 221 18.04 7.50 -7.30
N ARG A 222 18.81 6.76 -8.10
CA ARG A 222 19.18 5.39 -7.75
C ARG A 222 20.67 5.40 -7.42
N ALA A 223 21.00 4.79 -6.27
CA ALA A 223 22.37 4.86 -5.77
C ALA A 223 22.72 3.61 -4.97
N THR A 224 23.78 3.72 -4.16
CA THR A 224 24.12 2.71 -3.18
C THR A 224 24.18 3.43 -1.85
N LEU A 225 24.21 2.67 -0.75
CA LEU A 225 24.37 3.25 0.57
C LEU A 225 25.64 4.11 0.68
N ALA A 226 26.76 3.64 0.13
CA ALA A 226 28.03 4.41 0.20
C ALA A 226 27.95 5.69 -0.62
N THR A 227 27.16 5.67 -1.70
CA THR A 227 27.19 6.75 -2.67
C THR A 227 25.94 7.63 -2.68
N LEU A 228 25.01 7.37 -1.77
CA LEU A 228 23.75 8.10 -1.72
C LEU A 228 23.92 9.61 -1.47
N GLN A 229 24.77 9.96 -0.51
CA GLN A 229 24.92 11.35 -0.09
C GLN A 229 25.61 12.19 -1.15
N THR A 230 26.54 11.59 -1.86
CA THR A 230 27.22 12.29 -2.92
C THR A 230 26.38 12.34 -4.22
N SER A 231 25.31 11.56 -4.28
CA SER A 231 24.46 11.52 -5.46
C SER A 231 23.17 12.33 -5.33
N LEU A 232 23.03 13.08 -4.25
CA LEU A 232 21.95 14.06 -4.16
C LEU A 232 22.51 15.34 -4.76
N GLY A 233 21.93 15.73 -5.90
CA GLY A 233 22.47 16.82 -6.70
C GLY A 233 21.48 17.94 -6.93
N ALA A 234 21.72 19.08 -6.29
CA ALA A 234 20.89 20.29 -6.47
C ALA A 234 19.52 20.20 -5.77
N GLU A 235 18.94 19.00 -5.74
CA GLU A 235 17.64 18.76 -5.07
C GLU A 235 17.68 19.20 -3.60
N LEU A 236 16.82 20.15 -3.25
CA LEU A 236 16.86 20.81 -1.93
C LEU A 236 15.75 20.38 -0.98
N GLU A 237 14.75 19.64 -1.48
CA GLU A 237 13.62 19.15 -0.67
C GLU A 237 14.06 18.38 0.57
N ARG A 238 13.38 18.66 1.68
CA ARG A 238 13.71 18.09 2.99
C ARG A 238 13.26 16.62 3.15
N THR A 239 11.99 16.34 2.91
CA THR A 239 11.46 15.00 3.14
C THR A 239 11.54 14.14 1.87
N ALA A 240 11.90 12.88 2.05
CA ALA A 240 11.91 11.93 0.95
C ALA A 240 11.65 10.51 1.43
N LEU A 241 11.39 9.61 0.49
CA LEU A 241 11.23 8.19 0.77
C LEU A 241 12.43 7.41 0.22
N ILE A 242 13.00 6.57 1.05
CA ILE A 242 14.17 5.79 0.65
C ILE A 242 13.80 4.32 0.66
N LEU A 243 14.16 3.60 -0.41
CA LEU A 243 13.96 2.15 -0.48
C LEU A 243 15.32 1.45 -0.52
N VAL A 244 15.52 0.47 0.36
CA VAL A 244 16.83 -0.17 0.55
C VAL A 244 16.73 -1.69 0.42
N GLY A 245 17.55 -2.27 -0.45
CA GLY A 245 17.63 -3.71 -0.61
C GLY A 245 18.19 -4.07 -1.98
N ARG A 246 18.77 -5.27 -2.07
CA ARG A 246 19.33 -5.81 -3.31
C ARG A 246 18.30 -5.91 -4.44
N SER A 247 17.04 -6.14 -4.07
CA SER A 247 15.96 -6.19 -5.05
C SER A 247 15.73 -4.84 -5.76
N LEU A 248 16.47 -3.80 -5.35
CA LEU A 248 16.44 -2.51 -6.02
C LEU A 248 17.61 -2.31 -7.01
N ALA A 249 18.37 -3.38 -7.22
CA ALA A 249 19.46 -3.41 -8.19
C ALA A 249 18.97 -3.07 -9.60
N THR A 250 19.87 -2.51 -10.41
CA THR A 250 19.59 -2.16 -11.82
C THR A 250 20.22 -3.17 -12.79
N MET B 21 4.50 -1.22 -29.10
CA MET B 21 3.56 -1.60 -28.00
C MET B 21 4.23 -1.57 -26.61
N THR B 22 3.40 -1.52 -25.56
CA THR B 22 3.86 -1.62 -24.19
C THR B 22 3.15 -2.77 -23.45
N VAL B 23 3.85 -3.43 -22.54
CA VAL B 23 3.22 -4.28 -21.52
C VAL B 23 2.93 -3.44 -20.26
N HIS B 24 1.66 -3.30 -19.93
CA HIS B 24 1.21 -2.48 -18.81
C HIS B 24 0.91 -3.34 -17.58
N PHE B 25 1.86 -3.42 -16.66
CA PHE B 25 1.65 -4.12 -15.39
C PHE B 25 0.75 -3.28 -14.49
N ILE B 26 -0.40 -3.82 -14.12
CA ILE B 26 -1.40 -3.06 -13.39
C ILE B 26 -1.80 -3.74 -12.08
N GLY B 27 -1.76 -2.97 -10.99
CA GLY B 27 -2.25 -3.40 -9.69
C GLY B 27 -3.76 -3.38 -9.62
N ALA B 28 -4.37 -4.57 -9.65
CA ALA B 28 -5.83 -4.66 -9.66
C ALA B 28 -6.46 -4.27 -8.32
N GLY B 29 -5.66 -4.20 -7.27
CA GLY B 29 -6.20 -3.92 -5.93
C GLY B 29 -6.65 -5.17 -5.20
N PRO B 30 -7.35 -5.01 -4.07
CA PRO B 30 -7.64 -6.17 -3.20
C PRO B 30 -8.79 -7.11 -3.61
N GLY B 31 -9.58 -6.76 -4.64
CA GLY B 31 -10.74 -7.55 -4.99
C GLY B 31 -11.97 -6.79 -5.53
N ALA B 32 -12.51 -5.85 -4.78
CA ALA B 32 -13.57 -5.00 -5.30
C ALA B 32 -13.09 -4.30 -6.58
N ALA B 33 -13.92 -4.35 -7.62
CA ALA B 33 -13.63 -3.72 -8.91
C ALA B 33 -13.46 -2.20 -8.86
N ASP B 34 -14.12 -1.53 -7.92
CA ASP B 34 -13.99 -0.08 -7.81
C ASP B 34 -12.74 0.33 -6.99
N LEU B 35 -11.95 -0.64 -6.52
CA LEU B 35 -10.70 -0.32 -5.84
C LEU B 35 -9.44 -0.36 -6.72
N ILE B 36 -9.65 -0.45 -8.02
CA ILE B 36 -8.59 -0.18 -8.98
C ILE B 36 -8.42 1.35 -9.12
N THR B 37 -7.22 1.80 -9.47
CA THR B 37 -7.04 3.23 -9.79
C THR B 37 -7.73 3.58 -11.12
N ILE B 38 -8.06 4.88 -11.27
CA ILE B 38 -8.51 5.43 -12.54
C ILE B 38 -7.59 5.00 -13.68
N ARG B 39 -6.28 5.12 -13.46
CA ARG B 39 -5.28 4.84 -14.50
C ARG B 39 -5.31 3.37 -14.93
N GLY B 40 -5.37 2.48 -13.95
CA GLY B 40 -5.45 1.05 -14.20
C GLY B 40 -6.67 0.66 -15.04
N ARG B 41 -7.83 1.22 -14.68
CA ARG B 41 -9.04 0.88 -15.41
C ARG B 41 -8.90 1.37 -16.84
N ASP B 42 -8.39 2.59 -17.02
CA ASP B 42 -8.20 3.16 -18.37
C ASP B 42 -7.24 2.33 -19.21
N LEU B 43 -6.18 1.84 -18.58
CA LEU B 43 -5.26 0.96 -19.27
C LEU B 43 -5.87 -0.40 -19.66
N ILE B 44 -6.64 -1.05 -18.78
CA ILE B 44 -7.40 -2.25 -19.20
C ILE B 44 -8.30 -1.96 -20.41
N ALA B 45 -8.92 -0.78 -20.43
CA ALA B 45 -9.87 -0.42 -21.48
C ALA B 45 -9.19 -0.27 -22.85
N SER B 46 -7.87 -0.02 -22.84
CA SER B 46 -7.09 0.35 -24.04
C SER B 46 -6.20 -0.72 -24.63
N CYS B 47 -6.15 -1.90 -24.01
CA CYS B 47 -5.25 -3.00 -24.40
C CYS B 47 -5.99 -4.17 -25.06
N PRO B 48 -5.60 -4.53 -26.30
CA PRO B 48 -6.30 -5.63 -27.00
C PRO B 48 -5.94 -7.03 -26.48
N VAL B 49 -5.00 -7.09 -25.54
CA VAL B 49 -4.57 -8.35 -24.94
C VAL B 49 -4.54 -8.16 -23.42
N CYS B 50 -5.20 -9.06 -22.69
CA CYS B 50 -5.25 -8.97 -21.24
C CYS B 50 -4.87 -10.29 -20.58
N LEU B 51 -3.75 -10.25 -19.85
CA LEU B 51 -3.21 -11.38 -19.09
C LEU B 51 -3.41 -11.18 -17.60
N TYR B 52 -4.36 -11.91 -17.02
CA TYR B 52 -4.76 -11.69 -15.63
C TYR B 52 -4.38 -12.87 -14.77
N ALA B 53 -3.88 -12.61 -13.57
CA ALA B 53 -3.36 -13.68 -12.71
C ALA B 53 -4.39 -14.34 -11.77
N GLY B 54 -5.23 -15.20 -12.34
CA GLY B 54 -6.11 -16.05 -11.53
C GLY B 54 -7.40 -15.36 -11.12
N SER B 55 -8.20 -16.06 -10.33
CA SER B 55 -9.53 -15.54 -10.01
C SER B 55 -9.51 -14.58 -8.82
N LEU B 56 -8.31 -14.25 -8.33
CA LEU B 56 -8.12 -13.12 -7.43
C LEU B 56 -8.22 -11.78 -8.19
N VAL B 57 -8.29 -11.85 -9.51
CA VAL B 57 -8.68 -10.68 -10.29
C VAL B 57 -10.18 -10.76 -10.58
N PRO B 58 -10.96 -9.80 -10.08
CA PRO B 58 -12.42 -9.90 -10.19
C PRO B 58 -12.88 -9.88 -11.64
N GLU B 59 -13.93 -10.65 -11.91
CA GLU B 59 -14.61 -10.67 -13.22
C GLU B 59 -14.99 -9.26 -13.72
N ALA B 60 -15.48 -8.42 -12.82
CA ALA B 60 -15.97 -7.11 -13.19
C ALA B 60 -14.89 -6.24 -13.84
N LEU B 61 -13.63 -6.43 -13.48
CA LEU B 61 -12.53 -5.72 -14.15
C LEU B 61 -12.31 -6.19 -15.58
N LEU B 62 -12.40 -7.49 -15.81
CA LEU B 62 -12.37 -8.05 -17.17
C LEU B 62 -13.45 -7.49 -18.10
N ALA B 63 -14.59 -7.08 -17.56
CA ALA B 63 -15.62 -6.44 -18.37
C ALA B 63 -15.20 -5.05 -18.95
N HIS B 64 -14.09 -4.49 -18.47
CA HIS B 64 -13.53 -3.26 -19.03
C HIS B 64 -12.64 -3.49 -20.26
N CYS B 65 -12.19 -4.72 -20.46
CA CYS B 65 -11.44 -5.07 -21.65
C CYS B 65 -12.21 -4.69 -22.93
N PRO B 66 -11.51 -4.20 -23.95
CA PRO B 66 -12.18 -3.80 -25.20
C PRO B 66 -12.87 -4.96 -25.97
N PRO B 67 -13.80 -4.61 -26.88
CA PRO B 67 -14.43 -5.62 -27.75
C PRO B 67 -13.39 -6.46 -28.50
N GLY B 68 -13.50 -7.79 -28.43
CA GLY B 68 -12.61 -8.70 -29.17
C GLY B 68 -11.25 -8.91 -28.52
N ALA B 69 -11.12 -8.57 -27.25
CA ALA B 69 -9.85 -8.70 -26.56
C ALA B 69 -9.43 -10.17 -26.43
N LYS B 70 -8.14 -10.41 -26.43
CA LYS B 70 -7.60 -11.71 -26.15
C LYS B 70 -7.35 -11.70 -24.64
N ILE B 71 -8.10 -12.53 -23.92
CA ILE B 71 -8.11 -12.58 -22.47
C ILE B 71 -7.64 -13.96 -22.01
N VAL B 72 -6.63 -13.97 -21.15
CA VAL B 72 -5.92 -15.19 -20.76
C VAL B 72 -5.58 -15.19 -19.27
N ASN B 73 -5.95 -16.27 -18.58
CA ASN B 73 -5.65 -16.47 -17.19
C ASN B 73 -4.25 -17.05 -17.07
N THR B 74 -3.33 -16.32 -16.44
CA THR B 74 -1.93 -16.71 -16.42
C THR B 74 -1.61 -17.63 -15.25
N ALA B 75 -2.51 -17.71 -14.28
CA ALA B 75 -2.26 -18.43 -13.03
C ALA B 75 -1.77 -19.90 -13.19
N PRO B 76 -2.38 -20.69 -14.10
CA PRO B 76 -1.80 -22.03 -14.31
C PRO B 76 -0.64 -22.07 -15.28
N MET B 77 -0.11 -20.93 -15.68
CA MET B 77 0.89 -20.93 -16.74
C MET B 77 2.28 -20.74 -16.19
N SER B 78 3.23 -21.45 -16.78
CA SER B 78 4.63 -21.31 -16.42
C SER B 78 5.15 -19.95 -16.88
N LEU B 79 6.31 -19.56 -16.36
CA LEU B 79 6.96 -18.33 -16.78
C LEU B 79 7.25 -18.30 -18.30
N ASP B 80 7.74 -19.40 -18.86
CA ASP B 80 8.00 -19.43 -20.31
C ASP B 80 6.72 -19.23 -21.13
N ALA B 81 5.64 -19.89 -20.73
CA ALA B 81 4.34 -19.76 -21.41
C ALA B 81 3.80 -18.30 -21.40
N ILE B 82 3.99 -17.61 -20.27
CA ILE B 82 3.57 -16.22 -20.10
C ILE B 82 4.41 -15.30 -20.99
N ILE B 83 5.71 -15.54 -21.02
CA ILE B 83 6.59 -14.73 -21.83
C ILE B 83 6.34 -14.94 -23.34
N ASP B 84 6.14 -16.21 -23.75
CA ASP B 84 5.80 -16.53 -25.15
C ASP B 84 4.57 -15.76 -25.60
N THR B 85 3.59 -15.73 -24.70
CA THR B 85 2.33 -15.08 -24.97
C THR B 85 2.58 -13.58 -25.13
N ILE B 86 3.36 -13.01 -24.23
CA ILE B 86 3.71 -11.60 -24.36
C ILE B 86 4.44 -11.29 -25.69
N ALA B 87 5.47 -12.08 -26.01
CA ALA B 87 6.22 -11.95 -27.28
C ALA B 87 5.31 -11.93 -28.52
N GLU B 88 4.29 -12.79 -28.49
CA GLU B 88 3.31 -12.90 -29.55
C GLU B 88 2.53 -11.59 -29.73
N ALA B 89 2.16 -10.96 -28.62
CA ALA B 89 1.51 -9.65 -28.67
C ALA B 89 2.47 -8.56 -29.16
N HIS B 90 3.74 -8.68 -28.75
CA HIS B 90 4.78 -7.74 -29.17
C HIS B 90 4.98 -7.77 -30.68
N ALA B 91 4.99 -8.97 -31.24
CA ALA B 91 5.15 -9.11 -32.69
C ALA B 91 3.97 -8.50 -33.45
N ALA B 92 2.78 -8.57 -32.88
CA ALA B 92 1.57 -8.02 -33.51
C ALA B 92 1.42 -6.52 -33.24
N GLY B 93 2.26 -5.97 -32.36
CA GLY B 93 2.16 -4.57 -31.95
C GLY B 93 0.91 -4.28 -31.13
N GLN B 94 0.57 -5.22 -30.25
CA GLN B 94 -0.64 -5.10 -29.43
C GLN B 94 -0.35 -4.91 -27.95
N ASP B 95 -0.79 -3.78 -27.38
CA ASP B 95 -0.59 -3.52 -25.96
C ASP B 95 -1.16 -4.63 -25.08
N VAL B 96 -0.46 -4.91 -23.97
CA VAL B 96 -0.93 -5.91 -23.00
C VAL B 96 -1.26 -5.28 -21.65
N ALA B 97 -2.47 -5.55 -21.15
CA ALA B 97 -2.80 -5.27 -19.77
C ALA B 97 -2.49 -6.51 -18.95
N ARG B 98 -1.41 -6.45 -18.18
CA ARG B 98 -1.06 -7.54 -17.29
C ARG B 98 -1.56 -7.23 -15.87
N LEU B 99 -2.71 -7.81 -15.55
CA LEU B 99 -3.38 -7.59 -14.28
C LEU B 99 -2.93 -8.61 -13.24
N HIS B 100 -2.43 -8.11 -12.10
CA HIS B 100 -2.21 -8.92 -10.88
C HIS B 100 -3.06 -8.33 -9.76
N SER B 101 -3.49 -9.17 -8.82
CA SER B 101 -4.20 -8.69 -7.62
C SER B 101 -3.26 -7.90 -6.68
N GLY B 102 -3.83 -7.02 -5.87
CA GLY B 102 -3.07 -6.18 -4.98
C GLY B 102 -2.20 -5.14 -5.68
N ASP B 103 -0.98 -5.00 -5.18
CA ASP B 103 0.01 -4.11 -5.76
C ASP B 103 1.17 -4.97 -6.20
N LEU B 104 1.83 -4.53 -7.27
CA LEU B 104 2.92 -5.29 -7.89
C LEU B 104 4.22 -5.27 -7.14
N SER B 105 4.40 -4.31 -6.24
CA SER B 105 5.66 -4.24 -5.51
C SER B 105 5.88 -5.45 -4.55
N ILE B 106 4.82 -6.19 -4.22
CA ILE B 106 4.93 -7.29 -3.23
C ILE B 106 4.20 -8.58 -3.66
N TRP B 107 4.98 -9.67 -3.78
CA TRP B 107 4.45 -11.02 -4.07
C TRP B 107 3.65 -11.13 -5.38
N SER B 108 4.13 -10.45 -6.41
CA SER B 108 3.46 -10.41 -7.70
C SER B 108 4.15 -11.30 -8.73
N ALA B 109 5.42 -11.62 -8.47
CA ALA B 109 6.27 -12.35 -9.43
C ALA B 109 6.55 -11.52 -10.68
N MET B 110 6.35 -10.20 -10.58
CA MET B 110 6.61 -9.31 -11.69
C MET B 110 8.11 -9.28 -12.02
N GLY B 111 8.93 -9.26 -10.97
CA GLY B 111 10.38 -9.16 -11.08
C GLY B 111 11.03 -10.11 -12.07
N GLU B 112 10.75 -11.40 -11.94
CA GLU B 112 11.18 -12.40 -12.92
C GLU B 112 10.74 -12.05 -14.34
N GLN B 113 9.50 -11.57 -14.47
CA GLN B 113 8.91 -11.30 -15.77
C GLN B 113 9.61 -10.10 -16.42
N LEU B 114 9.93 -9.10 -15.60
CA LEU B 114 10.62 -7.90 -16.09
C LEU B 114 11.99 -8.24 -16.65
N ARG B 115 12.67 -9.18 -16.00
CA ARG B 115 14.00 -9.63 -16.41
C ARG B 115 13.91 -10.24 -17.81
N ARG B 116 13.05 -11.25 -17.97
CA ARG B 116 12.79 -11.86 -19.28
C ARG B 116 12.40 -10.83 -20.35
N LEU B 117 11.59 -9.83 -19.98
CA LEU B 117 11.23 -8.76 -20.94
C LEU B 117 12.39 -7.82 -21.34
N ARG B 118 13.24 -7.45 -20.39
CA ARG B 118 14.42 -6.66 -20.73
C ARG B 118 15.28 -7.46 -21.71
N ALA B 119 15.47 -8.75 -21.42
CA ALA B 119 16.17 -9.64 -22.34
C ALA B 119 15.68 -9.53 -23.80
N LEU B 120 14.39 -9.29 -24.00
CA LEU B 120 13.79 -9.27 -25.35
C LEU B 120 13.51 -7.86 -25.87
N ASN B 121 13.93 -6.85 -25.12
CA ASN B 121 13.67 -5.45 -25.46
C ASN B 121 12.19 -5.20 -25.74
N ILE B 122 11.34 -5.76 -24.88
CA ILE B 122 9.91 -5.47 -24.90
C ILE B 122 9.63 -4.44 -23.79
N PRO B 123 9.14 -3.24 -24.17
CA PRO B 123 8.88 -2.16 -23.19
C PRO B 123 7.71 -2.46 -22.24
N TYR B 124 7.75 -1.87 -21.05
CA TYR B 124 6.73 -2.07 -20.05
C TYR B 124 6.65 -0.85 -19.14
N ASP B 125 5.53 -0.71 -18.43
CA ASP B 125 5.51 0.15 -17.26
C ASP B 125 4.66 -0.48 -16.17
N VAL B 126 4.67 0.15 -15.00
CA VAL B 126 4.02 -0.37 -13.84
C VAL B 126 3.06 0.65 -13.25
N THR B 127 1.82 0.21 -13.03
CA THR B 127 0.80 1.05 -12.40
C THR B 127 0.52 0.50 -10.99
N PRO B 128 0.74 1.32 -9.95
CA PRO B 128 0.57 0.76 -8.61
C PRO B 128 -0.90 0.53 -8.28
N GLY B 129 -1.17 -0.45 -7.43
CA GLY B 129 -2.53 -0.71 -6.91
C GLY B 129 -2.60 -0.57 -5.40
N VAL B 130 -3.76 -0.92 -4.85
CA VAL B 130 -3.98 -0.86 -3.41
C VAL B 130 -3.65 -2.23 -2.82
N PRO B 131 -2.67 -2.29 -1.90
CA PRO B 131 -2.32 -3.61 -1.36
C PRO B 131 -3.35 -4.07 -0.35
N SER B 132 -3.39 -5.37 -0.09
CA SER B 132 -4.37 -5.96 0.79
C SER B 132 -4.32 -5.43 2.22
N PHE B 133 -3.11 -5.18 2.75
CA PHE B 133 -3.00 -4.64 4.11
C PHE B 133 -3.77 -3.32 4.27
N ALA B 134 -3.72 -2.46 3.26
CA ALA B 134 -4.47 -1.19 3.25
C ALA B 134 -5.97 -1.46 3.21
N ALA B 135 -6.36 -2.45 2.42
CA ALA B 135 -7.78 -2.75 2.31
C ALA B 135 -8.28 -3.27 3.66
N ALA B 136 -7.49 -4.16 4.27
CA ALA B 136 -7.85 -4.77 5.55
C ALA B 136 -7.96 -3.72 6.64
N ALA B 137 -6.97 -2.83 6.71
CA ALA B 137 -7.00 -1.75 7.70
C ALA B 137 -8.21 -0.83 7.49
N ALA B 138 -8.53 -0.53 6.23
CA ALA B 138 -9.71 0.27 5.89
C ALA B 138 -11.01 -0.30 6.43
N THR B 139 -11.28 -1.59 6.18
CA THR B 139 -12.53 -2.16 6.70
C THR B 139 -12.57 -2.17 8.24
N LEU B 140 -11.41 -2.15 8.89
CA LEU B 140 -11.33 -1.99 10.36
C LEU B 140 -11.45 -0.56 10.85
N GLY B 141 -11.38 0.40 9.93
CA GLY B 141 -11.30 1.83 10.29
C GLY B 141 -10.09 2.15 11.15
N ALA B 142 -8.91 1.64 10.78
CA ALA B 142 -7.72 1.75 11.60
C ALA B 142 -6.60 2.54 10.92
N GLU B 143 -6.09 3.56 11.61
CA GLU B 143 -4.78 4.06 11.26
C GLU B 143 -3.83 3.17 12.05
N LEU B 144 -2.91 2.52 11.34
CA LEU B 144 -1.98 1.59 11.98
C LEU B 144 -0.83 2.28 12.70
N THR B 145 -0.44 3.47 12.23
CA THR B 145 0.63 4.23 12.86
C THR B 145 0.03 5.32 13.73
N LEU B 146 0.17 5.19 15.05
CA LEU B 146 -0.34 6.18 16.00
C LEU B 146 0.78 6.64 16.92
N PRO B 147 0.96 7.97 17.07
CA PRO B 147 2.05 8.58 17.84
C PRO B 147 2.13 8.00 19.24
N GLY B 148 3.34 7.63 19.65
CA GLY B 148 3.56 7.10 20.99
C GLY B 148 3.20 5.62 21.13
N VAL B 149 2.78 4.98 20.02
CA VAL B 149 2.32 3.58 20.03
C VAL B 149 3.01 2.74 18.95
N ALA B 150 2.88 3.17 17.68
CA ALA B 150 3.52 2.47 16.55
C ALA B 150 3.88 3.44 15.42
N GLN B 151 5.09 3.33 14.90
CA GLN B 151 5.54 4.16 13.77
C GLN B 151 6.09 3.30 12.63
N SER B 152 5.81 2.00 12.70
CA SER B 152 6.31 1.05 11.71
C SER B 152 5.30 -0.04 11.46
N VAL B 153 5.36 -0.60 10.25
CA VAL B 153 4.47 -1.68 9.83
C VAL B 153 5.30 -2.67 9.05
N ILE B 154 5.24 -3.94 9.42
CA ILE B 154 6.00 -4.98 8.74
C ILE B 154 5.06 -5.82 7.92
N LEU B 155 5.35 -5.90 6.63
CA LEU B 155 4.58 -6.74 5.71
C LEU B 155 5.35 -8.03 5.47
N THR B 156 4.74 -9.15 5.82
CA THR B 156 5.40 -10.43 5.73
C THR B 156 4.39 -11.56 5.52
N ARG B 157 4.91 -12.77 5.29
CA ARG B 157 4.09 -13.95 5.10
C ARG B 157 4.77 -15.16 5.76
N THR B 158 3.99 -16.15 6.18
CA THR B 158 4.54 -17.31 6.92
C THR B 158 5.26 -18.34 6.02
N MET B 165 11.72 -18.78 3.20
CA MET B 165 11.96 -17.49 3.84
C MET B 165 13.45 -17.25 3.98
N PRO B 166 13.93 -16.05 3.56
CA PRO B 166 15.34 -15.66 3.65
C PRO B 166 15.85 -15.66 5.09
N ALA B 167 17.17 -15.78 5.24
CA ALA B 167 17.87 -15.92 6.54
C ALA B 167 17.28 -15.15 7.74
N GLY B 168 17.29 -13.82 7.67
CA GLY B 168 16.90 -12.99 8.81
C GLY B 168 15.42 -12.71 8.99
N GLU B 169 14.60 -13.19 8.08
CA GLU B 169 13.17 -12.87 8.10
C GLU B 169 12.34 -13.90 8.89
N THR B 170 12.54 -13.92 10.20
CA THR B 170 11.84 -14.86 11.08
C THR B 170 10.73 -14.12 11.82
N LEU B 171 9.73 -14.87 12.27
CA LEU B 171 8.73 -14.33 13.18
C LEU B 171 9.30 -13.58 14.38
N GLU B 172 10.32 -14.16 15.02
CA GLU B 172 10.91 -13.61 16.25
C GLU B 172 11.58 -12.26 16.02
N ASN B 173 12.33 -12.16 14.92
CA ASN B 173 13.04 -10.93 14.57
C ASN B 173 12.09 -9.75 14.27
N PHE B 174 10.92 -10.04 13.72
CA PHE B 174 9.94 -9.01 13.46
C PHE B 174 9.20 -8.68 14.75
N ALA B 175 8.81 -9.71 15.49
CA ALA B 175 8.02 -9.56 16.72
C ALA B 175 8.76 -8.79 17.81
N ARG B 176 10.08 -8.97 17.86
CA ARG B 176 10.88 -8.30 18.88
C ARG B 176 10.95 -6.77 18.67
N THR B 177 10.44 -6.27 17.53
CA THR B 177 10.47 -4.83 17.25
C THR B 177 9.27 -4.10 17.83
N GLY B 178 8.16 -4.82 18.04
CA GLY B 178 6.92 -4.22 18.47
C GLY B 178 6.15 -3.46 17.41
N ALA B 179 6.64 -3.46 16.15
CA ALA B 179 5.89 -2.88 15.05
C ALA B 179 4.54 -3.56 14.83
N VAL B 180 3.62 -2.87 14.16
CA VAL B 180 2.39 -3.49 13.70
C VAL B 180 2.82 -4.55 12.69
N LEU B 181 2.22 -5.74 12.80
CA LEU B 181 2.52 -6.78 11.82
C LEU B 181 1.32 -7.08 10.95
N ALA B 182 1.56 -7.15 9.64
CA ALA B 182 0.56 -7.55 8.66
C ALA B 182 1.03 -8.84 8.01
N ILE B 183 0.42 -9.96 8.42
CA ILE B 183 0.99 -11.27 8.08
C ILE B 183 0.04 -12.07 7.23
N HIS B 184 0.43 -12.33 5.99
CA HIS B 184 -0.36 -13.21 5.16
C HIS B 184 0.00 -14.67 5.52
N LEU B 185 -0.99 -15.43 5.98
CA LEU B 185 -0.74 -16.76 6.53
C LEU B 185 -1.74 -17.86 6.16
N SER B 186 -1.33 -19.09 6.39
CA SER B 186 -2.20 -20.25 6.34
C SER B 186 -2.89 -20.41 7.68
N VAL B 187 -4.21 -20.38 7.64
CA VAL B 187 -5.05 -20.69 8.78
C VAL B 187 -4.54 -21.87 9.62
N HIS B 188 -3.91 -22.88 8.98
CA HIS B 188 -3.46 -24.10 9.69
C HIS B 188 -2.25 -23.92 10.64
N VAL B 189 -1.38 -22.95 10.37
CA VAL B 189 -0.31 -22.59 11.30
C VAL B 189 -0.67 -21.42 12.23
N LEU B 190 -1.97 -21.08 12.35
CA LEU B 190 -2.37 -19.90 13.14
C LEU B 190 -1.99 -20.00 14.64
N ASP B 191 -2.28 -21.16 15.22
CA ASP B 191 -1.75 -21.61 16.52
C ASP B 191 -0.32 -21.19 16.77
N GLU B 192 0.54 -21.67 15.88
CA GLU B 192 1.98 -21.52 16.03
C GLU B 192 2.38 -20.04 15.96
N VAL B 193 1.77 -19.31 15.02
CA VAL B 193 2.01 -17.89 14.85
C VAL B 193 1.65 -17.10 16.12
N VAL B 194 0.49 -17.40 16.68
CA VAL B 194 0.04 -16.77 17.91
C VAL B 194 1.02 -16.98 19.07
N GLN B 195 1.43 -18.24 19.26
CA GLN B 195 2.29 -18.62 20.36
C GLN B 195 3.62 -17.88 20.29
N LYS B 196 4.08 -17.61 19.08
CA LYS B 196 5.34 -16.90 18.87
C LYS B 196 5.25 -15.38 19.00
N LEU B 197 4.04 -14.84 19.10
CA LEU B 197 3.82 -13.39 19.20
C LEU B 197 3.48 -12.96 20.61
N VAL B 198 2.73 -13.80 21.33
CA VAL B 198 2.39 -13.55 22.74
C VAL B 198 3.58 -13.02 23.58
N PRO B 199 4.74 -13.69 23.54
CA PRO B 199 5.84 -13.21 24.39
C PRO B 199 6.22 -11.74 24.15
N HIS B 200 6.09 -11.24 22.93
CA HIS B 200 6.48 -9.85 22.63
C HIS B 200 5.33 -8.87 22.68
N TYR B 201 4.11 -9.33 22.37
CA TYR B 201 2.96 -8.42 22.20
C TYR B 201 1.97 -8.46 23.33
N GLY B 202 2.00 -9.55 24.07
CA GLY B 202 1.10 -9.74 25.21
C GLY B 202 -0.17 -10.42 24.78
N GLU B 203 -0.71 -11.20 25.70
CA GLU B 203 -1.88 -12.03 25.41
C GLU B 203 -3.14 -11.19 25.11
N ASP B 204 -3.19 -9.98 25.66
CA ASP B 204 -4.30 -9.07 25.41
C ASP B 204 -4.05 -8.10 24.24
N CYS B 205 -3.04 -8.35 23.42
CA CYS B 205 -2.77 -7.48 22.27
C CYS B 205 -3.84 -7.60 21.19
N PRO B 206 -4.38 -6.46 20.74
CA PRO B 206 -5.37 -6.53 19.67
C PRO B 206 -4.83 -7.15 18.39
N VAL B 207 -5.70 -7.91 17.74
CA VAL B 207 -5.40 -8.60 16.52
C VAL B 207 -6.71 -8.68 15.73
N ALA B 208 -6.59 -8.70 14.41
CA ALA B 208 -7.73 -8.94 13.54
C ALA B 208 -7.35 -9.88 12.40
N ILE B 209 -8.27 -10.78 12.05
CA ILE B 209 -8.13 -11.65 10.91
C ILE B 209 -9.04 -11.14 9.80
N VAL B 210 -8.52 -11.00 8.59
CA VAL B 210 -9.39 -10.69 7.45
C VAL B 210 -9.27 -11.71 6.33
N TRP B 211 -10.42 -12.28 5.94
CA TRP B 211 -10.51 -13.10 4.72
C TRP B 211 -11.15 -12.29 3.60
N ARG B 212 -10.58 -12.39 2.40
CA ARG B 212 -11.20 -11.81 1.21
C ARG B 212 -11.52 -10.30 1.37
N ALA B 213 -10.60 -9.57 1.97
CA ALA B 213 -10.74 -8.11 2.10
C ALA B 213 -11.25 -7.42 0.82
N SER B 214 -12.29 -6.60 1.02
CA SER B 214 -12.97 -5.84 -0.04
C SER B 214 -13.94 -6.64 -0.93
N TRP B 215 -13.87 -7.97 -0.91
CA TRP B 215 -14.78 -8.81 -1.70
C TRP B 215 -16.19 -8.78 -1.12
N PRO B 216 -17.22 -9.07 -1.93
CA PRO B 216 -18.57 -9.09 -1.35
C PRO B 216 -18.71 -10.06 -0.16
N ASP B 217 -17.95 -11.15 -0.14
CA ASP B 217 -18.04 -12.09 0.99
C ASP B 217 -16.99 -11.94 2.09
N GLN B 218 -16.30 -10.79 2.14
CA GLN B 218 -15.26 -10.60 3.15
C GLN B 218 -15.71 -10.94 4.56
N ARG B 219 -14.82 -11.57 5.32
CA ARG B 219 -15.09 -11.88 6.72
C ARG B 219 -14.00 -11.32 7.63
N VAL B 220 -14.42 -10.70 8.71
CA VAL B 220 -13.49 -10.09 9.65
C VAL B 220 -13.76 -10.64 11.05
N VAL B 221 -12.69 -10.96 11.78
CA VAL B 221 -12.82 -11.23 13.20
C VAL B 221 -11.79 -10.39 13.97
N ARG B 222 -12.27 -9.49 14.83
CA ARG B 222 -11.39 -8.77 15.75
C ARG B 222 -11.40 -9.35 17.17
N ALA B 223 -10.22 -9.49 17.77
CA ALA B 223 -10.06 -10.14 19.07
C ALA B 223 -8.75 -9.74 19.73
N THR B 224 -8.17 -10.66 20.51
CA THR B 224 -6.88 -10.47 21.16
C THR B 224 -6.06 -11.71 20.86
N LEU B 225 -4.73 -11.66 21.00
CA LEU B 225 -3.94 -12.84 20.69
C LEU B 225 -4.40 -14.11 21.45
N ALA B 226 -4.78 -13.94 22.72
CA ALA B 226 -5.19 -15.08 23.52
C ALA B 226 -6.59 -15.60 23.16
N THR B 227 -7.43 -14.74 22.58
CA THR B 227 -8.84 -15.08 22.33
C THR B 227 -9.21 -15.25 20.86
N LEU B 228 -8.23 -15.13 19.96
CA LEU B 228 -8.46 -15.15 18.53
C LEU B 228 -9.03 -16.47 18.12
N GLN B 229 -8.33 -17.54 18.51
CA GLN B 229 -8.72 -18.89 18.12
C GLN B 229 -10.12 -19.35 18.57
N THR B 230 -10.56 -19.01 19.77
CA THR B 230 -11.94 -19.35 20.20
C THR B 230 -12.96 -18.54 19.40
N SER B 231 -12.54 -17.36 18.93
CA SER B 231 -13.44 -16.43 18.25
C SER B 231 -13.62 -16.72 16.77
N LEU B 232 -12.70 -17.50 16.19
CA LEU B 232 -12.60 -17.67 14.74
C LEU B 232 -13.89 -17.93 13.94
N GLY B 233 -14.57 -19.03 14.20
CA GLY B 233 -15.75 -19.41 13.42
C GLY B 233 -15.39 -19.94 12.04
N ALA B 234 -16.24 -19.64 11.07
CA ALA B 234 -16.09 -20.11 9.69
C ALA B 234 -14.80 -19.66 9.04
N GLU B 235 -14.09 -20.58 8.41
CA GLU B 235 -12.85 -20.25 7.71
C GLU B 235 -13.12 -20.22 6.22
N LEU B 236 -13.27 -19.00 5.69
CA LEU B 236 -13.80 -18.77 4.36
C LEU B 236 -12.84 -19.29 3.30
N GLU B 237 -11.54 -19.16 3.59
CA GLU B 237 -10.45 -19.56 2.72
C GLU B 237 -9.38 -20.19 3.63
N ARG B 238 -8.41 -20.90 3.04
CA ARG B 238 -7.30 -21.51 3.80
C ARG B 238 -6.20 -20.48 4.16
N THR B 239 -6.16 -19.36 3.43
CA THR B 239 -5.23 -18.27 3.73
C THR B 239 -6.02 -17.03 4.17
N ALA B 240 -5.35 -16.15 4.90
CA ALA B 240 -5.97 -14.96 5.46
C ALA B 240 -4.87 -13.98 5.83
N LEU B 241 -5.23 -12.74 6.12
CA LEU B 241 -4.24 -11.76 6.54
C LEU B 241 -4.53 -11.39 7.99
N ILE B 242 -3.54 -11.52 8.87
CA ILE B 242 -3.72 -10.99 10.23
C ILE B 242 -2.98 -9.67 10.46
N LEU B 243 -3.64 -8.78 11.17
CA LEU B 243 -3.05 -7.53 11.58
C LEU B 243 -2.88 -7.58 13.10
N VAL B 244 -1.70 -7.24 13.58
CA VAL B 244 -1.35 -7.31 15.00
C VAL B 244 -0.78 -5.98 15.51
N GLY B 245 -1.43 -5.43 16.55
CA GLY B 245 -0.90 -4.30 17.31
C GLY B 245 -1.91 -3.56 18.16
N ARG B 246 -1.43 -2.88 19.21
CA ARG B 246 -2.26 -2.00 20.04
C ARG B 246 -3.05 -1.00 19.21
N SER B 247 -2.47 -0.54 18.11
CA SER B 247 -3.06 0.57 17.39
C SER B 247 -4.33 0.18 16.61
N LEU B 248 -4.68 -1.10 16.66
CA LEU B 248 -5.89 -1.57 16.00
C LEU B 248 -7.14 -1.03 16.67
N ALA B 249 -7.29 -1.35 17.96
CA ALA B 249 -8.30 -0.68 18.78
C ALA B 249 -7.59 -0.08 19.98
N THR B 250 -7.69 1.25 20.12
CA THR B 250 -7.03 2.01 21.21
C THR B 250 -7.53 3.45 21.27
#